data_4MFQ
#
_entry.id   4MFQ
#
_cell.length_a   133.471
_cell.length_b   133.471
_cell.length_c   49.196
_cell.angle_alpha   90.00
_cell.angle_beta   90.00
_cell.angle_gamma   120.00
#
_symmetry.space_group_name_H-M   'P 65'
#
loop_
_entity.id
_entity.type
_entity.pdbx_description
1 polymer 'Putative uncharacterized protein tcp24'
2 polymer 'Teicoplanin pseudoaglycone'
3 non-polymer 'COENZYME A'
4 non-polymer 'SULFATE ION'
5 non-polymer 2-acetamido-2-deoxy-beta-D-glucopyranose
6 non-polymer alpha-D-mannopyranose
7 non-polymer 2-amino-2-deoxy-beta-D-glucopyranose
8 non-polymer 'DECANOIC ACID'
9 non-polymer D-ALANINE
10 water water
#
loop_
_entity_poly.entity_id
_entity_poly.type
_entity_poly.pdbx_seq_one_letter_code
_entity_poly.pdbx_strand_id
1 'polypeptide(L)'
;MGSSHHHHHHSSGLVPRGSHMMMDPETVRIALGLEERTAAWLTELDELGPPAEPVRLPRGEEARDLLRRLEVPELDAEEI
VAAAPDPDRDPALWWLLERTHHAIVRHMGDHRAKPRGGPPLPYEGGAAARYFHVYVFLATVPAVRRFHAERGIPDEVGWE
TLTQLGELVAIHRRKYGQGGMNMQWWTTYHLRGILYRLGRLQFSLATGKDGTPHLGLAVPEWGGPLLPKAYDESLHRARP
FFDRHFPEHGARVAWGSSWMLDPQLEEYLTEDSNIIQLARFWTLTDSAPEPGNADGDSSILEFVFRYNGQPLDELPQRSS
LERAVIAHLKAGRHWHMRTGFVKLP
;
A
2 'polypeptide(L)' (GHP)(3MY)(3FG)(GHP)(GHP)(OMY)(3FG) B
#
loop_
_chem_comp.id
_chem_comp.type
_chem_comp.name
_chem_comp.formula
COA non-polymer 'COENZYME A' 'C21 H36 N7 O16 P3 S'
DKA non-polymer 'DECANOIC ACID' 'C10 H20 O2'
GCS D-saccharide, beta linking 2-amino-2-deoxy-beta-D-glucopyranose 'C6 H13 N O5'
MAN D-saccharide, alpha linking alpha-D-mannopyranose 'C6 H12 O6'
NAG D-saccharide, beta linking 2-acetamido-2-deoxy-beta-D-glucopyranose 'C8 H15 N O6'
SO4 non-polymer 'SULFATE ION' 'O4 S -2'
#
# COMPACT_ATOMS: atom_id res chain seq x y z
N MET A 23 -29.13 9.34 7.54
CA MET A 23 -27.98 10.29 7.68
C MET A 23 -27.65 10.95 6.37
N ASP A 24 -27.05 12.14 6.43
CA ASP A 24 -26.66 12.84 5.20
C ASP A 24 -25.16 13.20 5.21
N PRO A 25 -24.55 13.34 4.01
CA PRO A 25 -23.09 13.50 3.91
C PRO A 25 -22.53 14.65 4.76
N GLU A 26 -23.25 15.77 4.79
CA GLU A 26 -22.85 16.92 5.59
C GLU A 26 -22.85 16.61 7.09
N THR A 27 -23.81 15.83 7.55
CA THR A 27 -23.86 15.45 8.98
C THR A 27 -22.70 14.53 9.34
N VAL A 28 -22.48 13.51 8.50
CA VAL A 28 -21.32 12.63 8.61
C VAL A 28 -20.05 13.47 8.72
N ARG A 29 -19.85 14.36 7.75
CA ARG A 29 -18.61 15.12 7.68
C ARG A 29 -18.32 15.85 9.00
N ILE A 30 -19.35 16.51 9.54
CA ILE A 30 -19.23 17.34 10.75
C ILE A 30 -19.07 16.45 11.99
N ALA A 31 -19.82 15.37 12.05
CA ALA A 31 -19.74 14.42 13.17
C ALA A 31 -18.33 13.84 13.29
N LEU A 32 -17.73 13.47 12.15
CA LEU A 32 -16.43 12.80 12.21
C LEU A 32 -15.27 13.78 12.26
N GLY A 33 -15.59 15.06 12.11
CA GLY A 33 -14.57 16.09 12.16
C GLY A 33 -13.78 16.18 10.87
N LEU A 34 -14.40 15.76 9.77
CA LEU A 34 -13.74 15.77 8.46
C LEU A 34 -13.69 17.19 7.84
N GLU A 35 -12.53 17.56 7.29
CA GLU A 35 -12.32 18.89 6.70
C GLU A 35 -13.22 19.07 5.48
N GLU A 36 -13.56 20.31 5.14
CA GLU A 36 -14.58 20.60 4.08
C GLU A 36 -14.26 20.02 2.70
N ARG A 37 -12.97 19.90 2.37
CA ARG A 37 -12.56 19.35 1.08
C ARG A 37 -13.08 17.93 0.85
N THR A 38 -13.34 17.19 1.93
CA THR A 38 -13.83 15.82 1.78
C THR A 38 -15.28 15.77 1.31
N ALA A 39 -15.94 16.93 1.29
CA ALA A 39 -17.38 16.98 0.97
C ALA A 39 -17.71 16.33 -0.37
N ALA A 40 -16.91 16.62 -1.39
CA ALA A 40 -17.09 16.01 -2.71
C ALA A 40 -17.11 14.46 -2.65
N TRP A 41 -16.13 13.90 -1.94
CA TRP A 41 -16.03 12.44 -1.73
C TRP A 41 -17.27 11.94 -1.05
N LEU A 42 -17.69 12.67 -0.02
CA LEU A 42 -18.81 12.22 0.79
C LEU A 42 -20.11 12.27 -0.03
N THR A 43 -20.22 13.26 -0.90
CA THR A 43 -21.33 13.33 -1.84
C THR A 43 -21.30 12.13 -2.80
N GLU A 44 -20.14 11.84 -3.40
CA GLU A 44 -19.98 10.63 -4.25
C GLU A 44 -20.47 9.39 -3.54
N LEU A 45 -20.01 9.23 -2.28
CA LEU A 45 -20.39 8.07 -1.48
C LEU A 45 -21.88 8.02 -1.18
N ASP A 46 -22.47 9.20 -0.91
CA ASP A 46 -23.91 9.28 -0.62
C ASP A 46 -24.69 8.82 -1.85
N GLU A 47 -24.30 9.33 -3.02
CA GLU A 47 -24.95 8.94 -4.27
C GLU A 47 -24.74 7.47 -4.64
N LEU A 48 -23.58 6.92 -4.29
CA LEU A 48 -23.29 5.50 -4.49
C LEU A 48 -24.19 4.58 -3.64
N GLY A 49 -24.42 4.98 -2.38
CA GLY A 49 -25.32 4.24 -1.49
C GLY A 49 -24.67 3.05 -0.83
N PRO A 50 -25.42 2.35 0.04
CA PRO A 50 -24.94 1.15 0.72
C PRO A 50 -24.73 0.06 -0.31
N PRO A 51 -23.93 -0.97 0.05
CA PRO A 51 -23.65 -2.11 -0.84
C PRO A 51 -24.82 -3.10 -0.93
N ALA A 52 -24.85 -3.88 -2.01
CA ALA A 52 -25.89 -4.89 -2.21
C ALA A 52 -25.79 -5.93 -1.10
N GLU A 53 -24.64 -6.58 -0.97
CA GLU A 53 -24.34 -7.44 0.16
C GLU A 53 -24.08 -6.50 1.34
N PRO A 54 -24.92 -6.58 2.41
CA PRO A 54 -24.77 -5.69 3.58
C PRO A 54 -23.41 -5.87 4.26
N VAL A 55 -22.83 -4.79 4.77
CA VAL A 55 -21.51 -4.85 5.40
C VAL A 55 -21.56 -5.66 6.68
N ARG A 56 -20.63 -6.61 6.82
CA ARG A 56 -20.55 -7.43 8.03
C ARG A 56 -19.14 -7.39 8.61
N LEU A 57 -19.01 -6.92 9.86
CA LEU A 57 -17.71 -6.99 10.54
C LEU A 57 -17.61 -8.25 11.36
N PRO A 58 -16.52 -9.01 11.18
CA PRO A 58 -16.26 -10.14 12.07
C PRO A 58 -16.04 -9.65 13.51
N ARG A 59 -16.50 -10.43 14.49
CA ARG A 59 -16.44 -10.01 15.89
C ARG A 59 -15.71 -11.06 16.70
N GLY A 60 -15.26 -10.66 17.90
CA GLY A 60 -14.61 -11.57 18.84
C GLY A 60 -13.55 -12.45 18.23
N GLU A 61 -13.70 -13.75 18.44
CA GLU A 61 -12.69 -14.73 18.04
C GLU A 61 -12.66 -14.98 16.53
N GLU A 62 -13.78 -14.70 15.87
CA GLU A 62 -13.80 -14.74 14.42
C GLU A 62 -12.85 -13.65 13.92
N ALA A 63 -12.98 -12.46 14.52
CA ALA A 63 -12.12 -11.32 14.16
C ALA A 63 -10.65 -11.56 14.52
N ARG A 64 -10.40 -12.11 15.71
CA ARG A 64 -9.02 -12.42 16.12
C ARG A 64 -8.36 -13.38 15.16
N ASP A 65 -9.12 -14.38 14.72
CA ASP A 65 -8.56 -15.38 13.82
C ASP A 65 -8.24 -14.78 12.46
N LEU A 66 -9.15 -13.96 11.95
CA LEU A 66 -8.91 -13.24 10.69
C LEU A 66 -7.69 -12.30 10.80
N LEU A 67 -7.68 -11.46 11.84
CA LEU A 67 -6.54 -10.57 12.09
C LEU A 67 -5.22 -11.33 12.17
N ARG A 68 -5.24 -12.50 12.80
CA ARG A 68 -4.06 -13.30 12.95
C ARG A 68 -3.56 -13.83 11.60
N ARG A 69 -4.50 -14.31 10.80
CA ARG A 69 -4.22 -14.78 9.46
C ARG A 69 -3.61 -13.65 8.60
N LEU A 70 -4.02 -12.42 8.90
CA LEU A 70 -3.56 -11.27 8.12
C LEU A 70 -2.30 -10.66 8.74
N GLU A 71 -1.71 -11.40 9.68
CA GLU A 71 -0.44 -11.06 10.32
C GLU A 71 -0.45 -9.72 11.09
N VAL A 72 -1.62 -9.29 11.53
CA VAL A 72 -1.72 -8.08 12.37
C VAL A 72 -1.11 -8.42 13.74
N PRO A 73 -0.17 -7.60 14.26
CA PRO A 73 0.44 -7.96 15.56
C PRO A 73 -0.62 -8.10 16.68
N GLU A 74 -0.37 -8.96 17.67
CA GLU A 74 -1.40 -9.28 18.68
C GLU A 74 -1.89 -8.05 19.44
N LEU A 75 -0.97 -7.15 19.76
CA LEU A 75 -1.33 -5.92 20.49
C LEU A 75 -2.40 -5.11 19.74
N ASP A 76 -2.15 -4.85 18.46
CA ASP A 76 -3.09 -4.09 17.63
C ASP A 76 -4.39 -4.84 17.42
N ALA A 77 -4.30 -6.14 17.15
CA ALA A 77 -5.47 -6.97 16.87
C ALA A 77 -6.46 -6.93 18.03
N GLU A 78 -5.91 -7.06 19.23
CA GLU A 78 -6.72 -7.01 20.43
C GLU A 78 -7.46 -5.69 20.52
N GLU A 79 -6.76 -4.59 20.23
CA GLU A 79 -7.38 -3.25 20.21
C GLU A 79 -8.41 -3.05 19.11
N ILE A 80 -8.15 -3.65 17.94
CA ILE A 80 -9.07 -3.50 16.82
C ILE A 80 -10.40 -4.19 17.17
N VAL A 81 -10.29 -5.38 17.78
CA VAL A 81 -11.46 -6.17 18.15
C VAL A 81 -12.28 -5.43 19.22
N ALA A 82 -11.57 -4.86 20.20
CA ALA A 82 -12.20 -4.18 21.32
C ALA A 82 -13.01 -2.98 20.85
N ALA A 83 -12.51 -2.28 19.84
CA ALA A 83 -13.07 -0.99 19.41
C ALA A 83 -14.02 -1.08 18.24
N ALA A 84 -14.27 -2.30 17.76
CA ALA A 84 -15.09 -2.46 16.56
C ALA A 84 -16.37 -1.68 16.69
N PRO A 85 -16.68 -0.88 15.67
CA PRO A 85 -17.81 0.02 15.82
C PRO A 85 -19.15 -0.70 15.63
N ASP A 86 -20.22 0.04 15.90
CA ASP A 86 -21.56 -0.51 15.98
C ASP A 86 -22.48 0.45 15.21
N PRO A 87 -23.43 -0.10 14.42
CA PRO A 87 -24.34 0.78 13.64
C PRO A 87 -25.14 1.80 14.49
N ASP A 88 -25.52 1.43 15.71
CA ASP A 88 -26.37 2.29 16.53
C ASP A 88 -25.57 3.35 17.27
N ARG A 89 -24.46 2.94 17.88
CA ARG A 89 -23.62 3.89 18.64
C ARG A 89 -22.71 4.74 17.75
N ASP A 90 -22.37 4.21 16.58
CA ASP A 90 -21.43 4.89 15.69
C ASP A 90 -22.07 5.07 14.34
N PRO A 91 -23.20 5.81 14.26
CA PRO A 91 -23.91 5.85 12.98
C PRO A 91 -23.17 6.57 11.84
N ALA A 92 -22.46 7.66 12.13
CA ALA A 92 -21.71 8.40 11.11
C ALA A 92 -20.55 7.54 10.59
N LEU A 93 -19.77 6.97 11.52
CA LEU A 93 -18.71 6.02 11.17
C LEU A 93 -19.26 4.85 10.36
N TRP A 94 -20.37 4.27 10.81
CA TRP A 94 -20.96 3.13 10.10
C TRP A 94 -21.41 3.44 8.69
N TRP A 95 -22.04 4.59 8.53
CA TRP A 95 -22.49 5.06 7.21
C TRP A 95 -21.31 5.08 6.25
N LEU A 96 -20.21 5.65 6.75
CA LEU A 96 -18.98 5.80 5.96
C LEU A 96 -18.32 4.48 5.67
N LEU A 97 -18.36 3.57 6.64
CA LEU A 97 -17.84 2.22 6.47
C LEU A 97 -18.51 1.47 5.34
N GLU A 98 -19.84 1.50 5.30
CA GLU A 98 -20.60 0.81 4.26
C GLU A 98 -20.28 1.30 2.86
N ARG A 99 -20.29 2.62 2.73
CA ARG A 99 -20.09 3.27 1.45
C ARG A 99 -18.63 3.20 0.99
N THR A 100 -17.69 3.28 1.92
CA THR A 100 -16.27 3.19 1.58
C THR A 100 -16.00 1.77 1.06
N HIS A 101 -16.53 0.77 1.76
CA HIS A 101 -16.50 -0.61 1.28
C HIS A 101 -17.07 -0.75 -0.11
N HIS A 102 -18.23 -0.14 -0.32
CA HIS A 102 -18.88 -0.16 -1.62
C HIS A 102 -18.06 0.53 -2.69
N ALA A 103 -17.48 1.68 -2.36
CA ALA A 103 -16.66 2.43 -3.34
C ALA A 103 -15.45 1.62 -3.79
N ILE A 104 -14.98 0.70 -2.93
CA ILE A 104 -13.90 -0.22 -3.28
C ILE A 104 -14.37 -1.43 -4.12
N VAL A 105 -15.37 -2.17 -3.66
CA VAL A 105 -15.81 -3.37 -4.40
C VAL A 105 -16.40 -3.12 -5.81
N ARG A 106 -16.96 -1.92 -6.03
CA ARG A 106 -17.51 -1.56 -7.33
C ARG A 106 -16.40 -1.56 -8.39
N HIS A 107 -15.14 -1.42 -7.93
CA HIS A 107 -13.99 -1.48 -8.82
C HIS A 107 -13.19 -2.74 -8.75
N MET A 108 -13.79 -3.82 -8.21
CA MET A 108 -13.12 -5.12 -8.12
C MET A 108 -12.54 -5.50 -9.48
N GLY A 109 -11.25 -5.85 -9.51
CA GLY A 109 -10.59 -6.27 -10.74
C GLY A 109 -10.25 -5.13 -11.69
N ASP A 110 -10.59 -3.91 -11.32
CA ASP A 110 -10.46 -2.80 -12.25
C ASP A 110 -9.25 -1.92 -11.95
N HIS A 111 -8.16 -2.12 -12.67
CA HIS A 111 -6.93 -1.35 -12.43
C HIS A 111 -6.89 -0.01 -13.09
N ARG A 112 -7.91 0.29 -13.91
CA ARG A 112 -7.99 1.62 -14.54
C ARG A 112 -8.60 2.69 -13.62
N ALA A 113 -9.28 2.26 -12.57
CA ALA A 113 -9.82 3.19 -11.59
C ALA A 113 -8.72 3.68 -10.65
N LYS A 114 -8.78 4.95 -10.26
CA LYS A 114 -7.85 5.51 -9.28
C LYS A 114 -7.97 4.84 -7.90
N PRO A 115 -6.86 4.78 -7.12
CA PRO A 115 -6.89 4.16 -5.78
C PRO A 115 -7.45 5.10 -4.71
N ARG A 116 -8.76 5.21 -4.62
CA ARG A 116 -9.34 6.13 -3.66
C ARG A 116 -9.84 5.32 -2.47
N GLY A 117 -9.12 5.40 -1.36
CA GLY A 117 -9.51 4.65 -0.15
C GLY A 117 -10.33 5.50 0.80
N GLY A 118 -10.43 6.79 0.50
CA GLY A 118 -11.11 7.72 1.41
C GLY A 118 -10.15 8.33 2.42
N PRO A 119 -10.60 9.38 3.13
CA PRO A 119 -9.71 10.12 4.03
C PRO A 119 -9.41 9.39 5.34
N PRO A 120 -8.29 9.71 5.98
CA PRO A 120 -8.10 9.22 7.35
C PRO A 120 -9.10 9.95 8.30
N LEU A 121 -9.59 9.28 9.34
CA LEU A 121 -10.51 9.91 10.30
C LEU A 121 -9.74 10.56 11.44
N PRO A 122 -10.11 11.79 11.81
CA PRO A 122 -9.45 12.46 12.92
C PRO A 122 -9.39 11.55 14.17
N TYR A 123 -8.27 11.56 14.89
CA TYR A 123 -8.05 10.60 16.00
C TYR A 123 -8.82 10.97 17.30
N GLU A 124 -9.45 12.15 17.28
CA GLU A 124 -10.40 12.54 18.35
C GLU A 124 -11.57 11.55 18.46
N GLY A 125 -11.86 10.81 17.38
CA GLY A 125 -12.88 9.73 17.39
C GLY A 125 -12.41 8.41 17.99
N GLY A 126 -11.18 8.38 18.46
CA GLY A 126 -10.71 7.25 19.21
C GLY A 126 -10.25 6.09 18.36
N ALA A 127 -10.20 4.92 18.98
CA ALA A 127 -9.71 3.69 18.35
C ALA A 127 -10.52 3.29 17.12
N ALA A 128 -11.85 3.46 17.17
CA ALA A 128 -12.68 3.13 16.01
C ALA A 128 -12.30 4.03 14.82
N ALA A 129 -11.95 5.29 15.11
CA ALA A 129 -11.50 6.21 14.07
C ALA A 129 -10.09 5.86 13.58
N ARG A 130 -9.18 5.59 14.50
CA ARG A 130 -7.80 5.21 14.13
C ARG A 130 -7.73 3.93 13.28
N TYR A 131 -8.61 2.96 13.57
CA TYR A 131 -8.57 1.70 12.87
C TYR A 131 -9.66 1.64 11.81
N PHE A 132 -10.27 2.78 11.48
CA PHE A 132 -11.36 2.79 10.50
C PHE A 132 -11.05 1.93 9.27
N HIS A 133 -9.90 2.17 8.63
CA HIS A 133 -9.61 1.46 7.38
C HIS A 133 -9.22 0.01 7.54
N VAL A 134 -8.87 -0.39 8.76
CA VAL A 134 -8.75 -1.80 9.10
C VAL A 134 -10.14 -2.46 9.05
N TYR A 135 -11.17 -1.80 9.58
CA TYR A 135 -12.54 -2.35 9.50
C TYR A 135 -12.98 -2.41 8.04
N VAL A 136 -12.65 -1.38 7.26
CA VAL A 136 -12.92 -1.44 5.81
C VAL A 136 -12.27 -2.69 5.21
N PHE A 137 -10.98 -2.89 5.52
CA PHE A 137 -10.26 -4.06 4.98
C PHE A 137 -10.98 -5.36 5.40
N LEU A 138 -11.25 -5.49 6.71
CA LEU A 138 -11.92 -6.70 7.22
C LEU A 138 -13.24 -6.95 6.54
N ALA A 139 -14.03 -5.89 6.37
CA ALA A 139 -15.36 -6.01 5.79
C ALA A 139 -15.28 -6.39 4.32
N THR A 140 -14.11 -6.17 3.70
CA THR A 140 -13.93 -6.37 2.26
C THR A 140 -13.23 -7.70 1.92
N VAL A 141 -12.68 -8.38 2.94
CA VAL A 141 -11.97 -9.65 2.72
C VAL A 141 -12.84 -10.68 1.96
N PRO A 142 -14.11 -10.87 2.37
CA PRO A 142 -14.92 -11.88 1.65
C PRO A 142 -15.06 -11.57 0.16
N ALA A 143 -15.32 -10.32 -0.18
CA ALA A 143 -15.49 -9.97 -1.58
C ALA A 143 -14.21 -10.23 -2.39
N VAL A 144 -13.06 -9.80 -1.86
CA VAL A 144 -11.81 -10.02 -2.65
C VAL A 144 -11.44 -11.49 -2.70
N ARG A 145 -11.71 -12.24 -1.64
CA ARG A 145 -11.41 -13.68 -1.69
C ARG A 145 -12.31 -14.40 -2.71
N ARG A 146 -13.54 -13.94 -2.87
CA ARG A 146 -14.43 -14.45 -3.93
C ARG A 146 -13.81 -14.16 -5.30
N PHE A 147 -13.33 -12.92 -5.47
CA PHE A 147 -12.70 -12.55 -6.74
C PHE A 147 -11.49 -13.45 -6.98
N HIS A 148 -10.68 -13.69 -5.94
CA HIS A 148 -9.53 -14.59 -6.05
C HIS A 148 -9.93 -15.95 -6.57
N ALA A 149 -10.98 -16.52 -5.99
CA ALA A 149 -11.44 -17.86 -6.40
C ALA A 149 -11.92 -17.88 -7.86
N GLU A 150 -12.71 -16.88 -8.26
CA GLU A 150 -13.18 -16.78 -9.66
C GLU A 150 -12.02 -16.72 -10.64
N ARG A 151 -10.92 -16.08 -10.22
CA ARG A 151 -9.75 -15.96 -11.08
C ARG A 151 -8.84 -17.19 -10.96
N GLY A 152 -9.22 -18.16 -10.13
CA GLY A 152 -8.40 -19.36 -9.92
C GLY A 152 -7.08 -19.09 -9.20
N ILE A 153 -6.99 -18.01 -8.43
CA ILE A 153 -5.78 -17.66 -7.70
C ILE A 153 -5.61 -18.69 -6.58
N PRO A 154 -4.41 -19.29 -6.42
CA PRO A 154 -4.21 -20.19 -5.28
C PRO A 154 -4.45 -19.52 -3.94
N ASP A 155 -5.12 -20.24 -3.04
CA ASP A 155 -5.43 -19.73 -1.70
C ASP A 155 -4.22 -19.12 -1.01
N GLU A 156 -3.06 -19.78 -1.07
CA GLU A 156 -1.86 -19.30 -0.37
C GLU A 156 -1.34 -17.96 -0.92
N VAL A 157 -1.49 -17.75 -2.23
CA VAL A 157 -1.10 -16.47 -2.86
C VAL A 157 -2.07 -15.38 -2.42
N GLY A 158 -3.36 -15.69 -2.43
CA GLY A 158 -4.39 -14.73 -2.03
C GLY A 158 -4.17 -14.32 -0.58
N TRP A 159 -3.97 -15.31 0.32
CA TRP A 159 -3.66 -14.94 1.70
C TRP A 159 -2.38 -14.18 1.85
N GLU A 160 -1.31 -14.67 1.22
CA GLU A 160 -0.02 -14.00 1.36
C GLU A 160 -0.11 -12.52 0.94
N THR A 161 -0.88 -12.25 -0.11
CA THR A 161 -1.09 -10.88 -0.57
C THR A 161 -1.76 -10.04 0.51
N LEU A 162 -2.82 -10.57 1.09
CA LEU A 162 -3.59 -9.80 2.06
C LEU A 162 -2.88 -9.57 3.39
N THR A 163 -1.85 -10.37 3.71
CA THR A 163 -1.07 -10.20 4.95
C THR A 163 -0.35 -8.89 5.03
N GLN A 164 -0.24 -8.13 3.93
CA GLN A 164 0.37 -6.80 4.09
C GLN A 164 -0.40 -5.89 5.07
N LEU A 165 -1.68 -6.20 5.33
CA LEU A 165 -2.43 -5.43 6.33
C LEU A 165 -1.67 -5.38 7.63
N GLY A 166 -1.17 -6.54 8.09
CA GLY A 166 -0.40 -6.61 9.33
C GLY A 166 0.83 -5.71 9.33
N GLU A 167 1.55 -5.72 8.22
CA GLU A 167 2.72 -4.87 8.05
C GLU A 167 2.37 -3.40 8.13
N LEU A 168 1.28 -2.99 7.46
CA LEU A 168 0.89 -1.58 7.41
C LEU A 168 0.40 -1.10 8.78
N VAL A 169 -0.29 -1.98 9.51
CA VAL A 169 -0.71 -1.69 10.90
C VAL A 169 0.56 -1.49 11.75
N ALA A 170 1.50 -2.45 11.70
CA ALA A 170 2.77 -2.34 12.43
C ALA A 170 3.53 -1.07 12.09
N ILE A 171 3.57 -0.70 10.80
CA ILE A 171 4.17 0.57 10.38
C ILE A 171 3.53 1.81 11.04
N HIS A 172 2.22 1.85 11.12
CA HIS A 172 1.58 3.03 11.72
C HIS A 172 2.06 3.21 13.15
N ARG A 173 2.10 2.11 13.89
CA ARG A 173 2.50 2.16 15.29
C ARG A 173 3.95 2.62 15.47
N ARG A 174 4.86 2.12 14.63
N ARG A 174 4.85 2.14 14.60
CA ARG A 174 6.27 2.56 14.68
CA ARG A 174 6.26 2.51 14.65
C ARG A 174 6.38 4.04 14.37
C ARG A 174 6.43 3.99 14.31
N LYS A 175 5.68 4.47 13.33
CA LYS A 175 5.77 5.82 12.86
C LYS A 175 5.18 6.86 13.82
N TYR A 176 3.97 6.59 14.32
CA TYR A 176 3.22 7.60 15.09
C TYR A 176 3.09 7.31 16.59
N GLY A 177 3.31 6.06 16.96
CA GLY A 177 3.35 5.70 18.36
C GLY A 177 2.07 5.13 18.94
N GLN A 178 0.98 5.15 18.17
CA GLN A 178 -0.23 4.42 18.60
C GLN A 178 -0.81 3.65 17.41
N GLY A 179 -1.81 2.81 17.70
CA GLY A 179 -2.41 1.93 16.71
C GLY A 179 -3.15 2.67 15.62
N GLY A 180 -3.09 2.14 14.40
CA GLY A 180 -3.78 2.78 13.25
C GLY A 180 -3.37 2.13 11.92
N MET A 181 -3.86 2.68 10.81
CA MET A 181 -3.46 2.17 9.48
C MET A 181 -3.93 3.26 8.55
N ASN A 182 -3.01 4.13 8.16
CA ASN A 182 -3.39 5.27 7.30
C ASN A 182 -2.82 5.16 5.88
N MET A 183 -2.64 3.93 5.40
CA MET A 183 -2.26 3.68 4.02
C MET A 183 -3.37 2.99 3.23
N GLN A 184 -4.60 3.46 3.46
CA GLN A 184 -5.77 2.91 2.82
C GLN A 184 -5.79 3.11 1.30
N TRP A 185 -5.08 4.12 0.78
CA TRP A 185 -4.96 4.28 -0.70
C TRP A 185 -4.29 3.06 -1.30
N TRP A 186 -3.30 2.54 -0.60
CA TRP A 186 -2.51 1.36 -1.03
C TRP A 186 -3.26 0.07 -0.91
N THR A 187 -3.96 -0.13 0.21
CA THR A 187 -4.79 -1.35 0.35
C THR A 187 -5.95 -1.44 -0.64
N THR A 188 -6.33 -0.34 -1.32
CA THR A 188 -7.34 -0.49 -2.40
C THR A 188 -6.81 -1.42 -3.50
N TYR A 189 -5.49 -1.47 -3.67
CA TYR A 189 -4.92 -2.40 -4.67
C TYR A 189 -5.15 -3.85 -4.25
N HIS A 190 -4.80 -4.20 -3.00
CA HIS A 190 -4.98 -5.59 -2.55
C HIS A 190 -6.44 -5.95 -2.62
N LEU A 191 -7.28 -5.03 -2.15
CA LEU A 191 -8.73 -5.27 -2.00
C LEU A 191 -9.52 -5.33 -3.30
N ARG A 192 -8.99 -4.72 -4.37
CA ARG A 192 -9.60 -4.86 -5.68
C ARG A 192 -9.03 -6.04 -6.45
N GLY A 193 -8.16 -6.83 -5.84
CA GLY A 193 -7.66 -7.98 -6.54
C GLY A 193 -6.80 -7.66 -7.76
N ILE A 194 -6.16 -6.50 -7.72
CA ILE A 194 -5.24 -6.08 -8.77
C ILE A 194 -3.77 -6.10 -8.41
N LEU A 195 -3.46 -6.54 -7.18
N LEU A 195 -3.46 -6.53 -7.18
CA LEU A 195 -2.08 -6.67 -6.76
CA LEU A 195 -2.09 -6.62 -6.70
C LEU A 195 -1.92 -8.02 -6.07
C LEU A 195 -1.93 -8.01 -6.06
N TYR A 196 -0.79 -8.67 -6.33
CA TYR A 196 -0.51 -10.00 -5.80
C TYR A 196 0.92 -10.04 -5.33
N ARG A 197 1.13 -10.58 -4.14
CA ARG A 197 2.49 -10.86 -3.69
C ARG A 197 2.89 -12.24 -4.21
N LEU A 198 3.97 -12.30 -4.97
CA LEU A 198 4.45 -13.53 -5.57
C LEU A 198 5.86 -13.79 -5.02
N GLY A 199 5.95 -14.20 -3.76
CA GLY A 199 7.28 -14.29 -3.11
C GLY A 199 7.73 -12.98 -2.49
N ARG A 200 8.98 -12.56 -2.75
CA ARG A 200 9.52 -11.36 -2.08
C ARG A 200 8.89 -10.07 -2.65
N LEU A 201 8.50 -10.11 -3.93
CA LEU A 201 7.98 -8.91 -4.62
C LEU A 201 6.47 -8.98 -4.85
N GLN A 202 5.85 -7.80 -4.99
CA GLN A 202 4.46 -7.71 -5.39
C GLN A 202 4.38 -7.18 -6.82
N PHE A 203 3.35 -7.59 -7.55
CA PHE A 203 3.11 -7.14 -8.94
C PHE A 203 1.66 -6.72 -9.05
N SER A 204 1.42 -5.56 -9.64
CA SER A 204 0.06 -5.11 -9.89
C SER A 204 -0.27 -5.04 -11.42
N LEU A 205 -1.51 -5.34 -11.77
CA LEU A 205 -2.06 -5.10 -13.13
C LEU A 205 -1.97 -3.59 -13.35
N ALA A 206 -1.27 -3.17 -14.39
CA ALA A 206 -1.13 -1.72 -14.63
C ALA A 206 -1.09 -1.43 -16.13
N THR A 207 -1.22 -0.15 -16.50
CA THR A 207 -1.04 0.25 -17.91
C THR A 207 -0.26 1.54 -17.99
N GLY A 208 0.51 1.73 -19.04
CA GLY A 208 1.17 3.02 -19.20
C GLY A 208 0.19 4.08 -19.70
N LYS A 209 0.68 5.29 -19.97
CA LYS A 209 -0.19 6.39 -20.40
C LYS A 209 -0.86 6.05 -21.72
N ASP A 210 -0.15 5.32 -22.59
CA ASP A 210 -0.69 4.90 -23.90
C ASP A 210 -1.54 3.63 -23.79
N GLY A 211 -1.86 3.22 -22.56
CA GLY A 211 -2.70 2.04 -22.34
C GLY A 211 -2.02 0.68 -22.48
N THR A 212 -0.74 0.64 -22.82
CA THR A 212 -0.03 -0.63 -22.97
C THR A 212 0.08 -1.31 -21.56
N PRO A 213 -0.30 -2.59 -21.47
CA PRO A 213 -0.26 -3.30 -20.18
C PRO A 213 1.15 -3.51 -19.70
N HIS A 214 1.35 -3.37 -18.40
CA HIS A 214 2.57 -3.81 -17.75
C HIS A 214 2.26 -4.26 -16.35
N LEU A 215 3.29 -4.69 -15.63
CA LEU A 215 3.08 -5.02 -14.22
C LEU A 215 3.81 -4.04 -13.36
N GLY A 216 3.09 -3.44 -12.40
CA GLY A 216 3.72 -2.47 -11.51
C GLY A 216 4.43 -3.27 -10.42
N LEU A 217 5.67 -2.94 -10.10
CA LEU A 217 6.40 -3.73 -9.09
C LEU A 217 6.37 -2.98 -7.76
N ALA A 218 6.21 -3.69 -6.64
CA ALA A 218 6.35 -3.06 -5.33
C ALA A 218 7.08 -4.02 -4.38
N VAL A 219 7.68 -3.45 -3.32
CA VAL A 219 8.50 -4.23 -2.42
C VAL A 219 7.94 -4.07 -1.00
N PRO A 220 7.28 -5.12 -0.49
CA PRO A 220 6.84 -5.01 0.89
C PRO A 220 8.04 -4.93 1.84
N GLU A 221 7.82 -4.27 2.97
CA GLU A 221 8.86 -4.18 3.99
C GLU A 221 9.19 -5.58 4.56
N TRP A 222 8.17 -6.33 4.95
CA TRP A 222 8.38 -7.63 5.58
C TRP A 222 8.80 -8.67 4.60
N GLY A 223 9.66 -9.57 5.07
CA GLY A 223 10.18 -10.66 4.23
C GLY A 223 11.70 -10.71 4.14
N GLY A 224 12.40 -9.86 4.89
CA GLY A 224 13.87 -9.87 4.86
C GLY A 224 14.50 -9.10 3.70
N PRO A 225 15.85 -9.11 3.62
CA PRO A 225 16.58 -8.38 2.58
C PRO A 225 16.15 -8.78 1.18
N LEU A 226 16.41 -7.89 0.23
CA LEU A 226 16.08 -8.17 -1.17
C LEU A 226 17.19 -8.99 -1.77
N LEU A 227 17.32 -10.23 -1.32
CA LEU A 227 18.35 -11.11 -1.85
C LEU A 227 18.15 -11.32 -3.35
N PRO A 228 19.23 -11.29 -4.13
CA PRO A 228 19.14 -11.53 -5.57
C PRO A 228 18.37 -12.79 -5.94
N LYS A 229 18.59 -13.90 -5.23
CA LYS A 229 17.84 -15.12 -5.51
C LYS A 229 16.35 -14.97 -5.26
N ALA A 230 15.99 -14.22 -4.22
CA ALA A 230 14.57 -14.02 -3.90
C ALA A 230 13.93 -13.12 -4.96
N TYR A 231 14.61 -12.02 -5.27
CA TYR A 231 14.16 -11.10 -6.34
C TYR A 231 13.95 -11.87 -7.66
N ASP A 232 14.93 -12.70 -8.04
CA ASP A 232 14.91 -13.47 -9.30
CA ASP A 232 14.86 -13.41 -9.31
C ASP A 232 13.72 -14.42 -9.34
N GLU A 233 13.46 -15.08 -8.21
CA GLU A 233 12.36 -16.03 -8.15
CA GLU A 233 12.39 -16.03 -8.14
C GLU A 233 11.05 -15.31 -8.34
N SER A 234 10.90 -14.16 -7.70
CA SER A 234 9.67 -13.38 -7.91
C SER A 234 9.48 -13.00 -9.36
N LEU A 235 10.54 -12.50 -10.01
CA LEU A 235 10.45 -12.14 -11.42
CA LEU A 235 10.46 -12.14 -11.43
C LEU A 235 10.03 -13.31 -12.30
N HIS A 236 10.55 -14.50 -12.02
CA HIS A 236 10.15 -15.70 -12.74
C HIS A 236 8.72 -16.08 -12.53
N ARG A 237 8.16 -15.68 -11.39
CA ARG A 237 6.76 -16.05 -11.13
C ARG A 237 5.76 -15.14 -11.85
N ALA A 238 6.20 -13.96 -12.28
CA ALA A 238 5.25 -12.93 -12.74
C ALA A 238 4.48 -13.33 -14.01
N ARG A 239 5.17 -13.55 -15.13
CA ARG A 239 4.40 -13.92 -16.32
C ARG A 239 3.53 -15.16 -16.23
N PRO A 240 4.07 -16.28 -15.69
CA PRO A 240 3.20 -17.45 -15.57
C PRO A 240 1.95 -17.18 -14.74
N PHE A 241 2.08 -16.38 -13.70
CA PHE A 241 0.92 -16.13 -12.85
C PHE A 241 -0.13 -15.29 -13.59
N PHE A 242 0.31 -14.15 -14.12
CA PHE A 242 -0.69 -13.28 -14.80
C PHE A 242 -1.19 -13.83 -16.12
N ASP A 243 -0.33 -14.52 -16.85
CA ASP A 243 -0.81 -15.16 -18.10
C ASP A 243 -1.82 -16.27 -17.84
N ARG A 244 -1.68 -16.98 -16.72
CA ARG A 244 -2.75 -17.91 -16.31
C ARG A 244 -4.05 -17.30 -15.83
N HIS A 245 -4.00 -16.37 -14.87
CA HIS A 245 -5.22 -15.94 -14.22
C HIS A 245 -5.79 -14.69 -14.83
N PHE A 246 -4.94 -13.91 -15.49
CA PHE A 246 -5.38 -12.65 -16.17
C PHE A 246 -4.88 -12.66 -17.60
N PRO A 247 -5.30 -13.68 -18.37
CA PRO A 247 -4.69 -13.86 -19.70
C PRO A 247 -4.97 -12.66 -20.60
N GLU A 248 -6.06 -11.93 -20.36
CA GLU A 248 -6.41 -10.75 -21.18
C GLU A 248 -5.40 -9.60 -21.01
N HIS A 249 -4.57 -9.65 -19.95
CA HIS A 249 -3.69 -8.53 -19.65
C HIS A 249 -2.48 -8.49 -20.55
N GLY A 250 -1.65 -9.54 -20.52
CA GLY A 250 -0.55 -9.70 -21.48
C GLY A 250 0.67 -8.79 -21.31
N ALA A 251 1.03 -8.41 -20.09
CA ALA A 251 2.23 -7.60 -19.89
C ALA A 251 3.47 -8.40 -20.25
N ARG A 252 4.50 -7.69 -20.72
CA ARG A 252 5.82 -8.27 -21.02
C ARG A 252 6.92 -7.66 -20.16
N VAL A 253 6.61 -6.54 -19.51
N VAL A 253 6.63 -6.52 -19.54
CA VAL A 253 7.58 -5.73 -18.81
CA VAL A 253 7.62 -5.82 -18.76
C VAL A 253 7.08 -5.26 -17.43
C VAL A 253 7.07 -5.45 -17.37
N ALA A 254 7.96 -5.17 -16.44
CA ALA A 254 7.59 -4.63 -15.13
C ALA A 254 8.16 -3.23 -15.04
N TRP A 255 7.40 -2.34 -14.41
N TRP A 255 7.38 -2.34 -14.45
CA TRP A 255 7.78 -0.94 -14.25
CA TRP A 255 7.80 -0.96 -14.23
C TRP A 255 7.80 -0.58 -12.80
C TRP A 255 8.00 -0.81 -12.76
N GLY A 256 8.84 0.15 -12.41
CA GLY A 256 8.99 0.59 -11.02
C GLY A 256 9.34 2.07 -10.96
N SER A 257 8.81 2.77 -9.95
CA SER A 257 9.28 4.14 -9.57
C SER A 257 9.62 4.13 -8.09
N SER A 258 10.86 4.53 -7.77
CA SER A 258 11.33 4.33 -6.41
C SER A 258 12.59 5.17 -6.13
N TRP A 259 12.76 5.53 -4.87
CA TRP A 259 14.01 6.08 -4.36
C TRP A 259 15.11 5.06 -4.58
N MET A 260 14.73 3.77 -4.64
CA MET A 260 15.74 2.69 -4.75
C MET A 260 16.43 2.65 -6.12
N LEU A 261 15.79 3.27 -7.11
CA LEU A 261 16.33 3.34 -8.46
C LEU A 261 17.19 4.60 -8.69
N ASP A 262 17.38 5.42 -7.66
CA ASP A 262 18.19 6.64 -7.76
C ASP A 262 19.68 6.28 -7.84
N PRO A 263 20.32 6.59 -8.99
CA PRO A 263 21.74 6.20 -9.15
C PRO A 263 22.65 6.89 -8.12
N GLN A 264 22.18 7.99 -7.54
CA GLN A 264 22.93 8.67 -6.48
C GLN A 264 23.28 7.78 -5.29
N LEU A 265 22.51 6.70 -5.07
CA LEU A 265 22.87 5.71 -4.04
C LEU A 265 24.25 5.09 -4.19
N GLU A 266 24.76 5.04 -5.42
CA GLU A 266 26.07 4.44 -5.71
C GLU A 266 27.23 5.19 -5.02
N GLU A 267 27.05 6.47 -4.75
CA GLU A 267 28.02 7.25 -3.94
C GLU A 267 28.20 6.71 -2.53
N TYR A 268 27.15 6.08 -1.98
CA TYR A 268 27.15 5.79 -0.54
C TYR A 268 27.06 4.32 -0.18
N LEU A 269 26.41 3.51 -1.01
CA LEU A 269 26.29 2.07 -0.75
C LEU A 269 27.36 1.28 -1.47
N THR A 270 27.80 0.19 -0.85
CA THR A 270 28.87 -0.61 -1.43
C THR A 270 28.35 -1.64 -2.43
N GLU A 271 29.25 -2.50 -2.88
CA GLU A 271 28.94 -3.49 -3.88
C GLU A 271 28.08 -4.64 -3.34
N ASP A 272 28.14 -4.89 -2.04
CA ASP A 272 27.34 -5.94 -1.45
C ASP A 272 25.92 -5.42 -1.12
N SER A 273 25.61 -4.17 -1.49
CA SER A 273 24.23 -3.68 -1.34
C SER A 273 23.32 -4.43 -2.32
N ASN A 274 22.27 -5.05 -1.80
CA ASN A 274 21.25 -5.65 -2.65
C ASN A 274 20.60 -4.64 -3.60
N ILE A 275 20.28 -3.44 -3.08
CA ILE A 275 19.71 -2.37 -3.92
C ILE A 275 20.63 -2.04 -5.10
N ILE A 276 21.91 -1.85 -4.82
CA ILE A 276 22.88 -1.56 -5.90
C ILE A 276 22.96 -2.69 -6.93
N GLN A 277 23.11 -3.94 -6.48
CA GLN A 277 23.24 -5.06 -7.43
C GLN A 277 21.98 -5.17 -8.31
N LEU A 278 20.81 -5.04 -7.69
CA LEU A 278 19.55 -5.24 -8.44
C LEU A 278 19.17 -4.06 -9.34
N ALA A 279 19.47 -2.84 -8.91
CA ALA A 279 19.16 -1.67 -9.75
C ALA A 279 19.93 -1.74 -11.07
N ARG A 280 21.05 -2.47 -11.09
CA ARG A 280 21.85 -2.60 -12.31
C ARG A 280 21.13 -3.28 -13.45
N PHE A 281 20.12 -4.08 -13.13
CA PHE A 281 19.31 -4.73 -14.16
C PHE A 281 18.28 -3.80 -14.79
N TRP A 282 18.03 -2.66 -14.16
CA TRP A 282 16.93 -1.81 -14.57
C TRP A 282 17.35 -0.82 -15.62
N THR A 283 16.44 -0.50 -16.53
CA THR A 283 16.68 0.53 -17.55
C THR A 283 15.87 1.78 -17.20
N LEU A 284 16.52 2.86 -16.77
CA LEU A 284 15.78 4.04 -16.33
C LEU A 284 15.26 4.82 -17.54
N THR A 285 14.02 5.31 -17.45
CA THR A 285 13.35 5.86 -18.63
C THR A 285 13.00 7.33 -18.46
N ASP A 286 13.15 7.85 -17.25
CA ASP A 286 12.93 9.26 -16.98
C ASP A 286 14.25 10.04 -17.19
N SER A 287 14.14 11.35 -17.37
CA SER A 287 15.29 12.26 -17.45
C SER A 287 16.01 12.39 -16.12
N ALA A 288 17.33 12.63 -16.19
CA ALA A 288 18.10 12.97 -15.01
C ALA A 288 17.37 14.15 -14.38
N PRO A 289 16.95 14.04 -13.10
CA PRO A 289 16.19 15.10 -12.43
C PRO A 289 17.02 16.36 -12.17
N GLU A 290 16.32 17.48 -12.04
CA GLU A 290 16.93 18.74 -11.62
C GLU A 290 17.50 18.57 -10.24
N PRO A 291 18.77 18.96 -10.04
CA PRO A 291 19.43 18.78 -8.72
C PRO A 291 18.63 19.41 -7.57
N GLY A 292 17.94 20.50 -7.87
CA GLY A 292 17.16 21.25 -6.87
C GLY A 292 15.76 20.70 -6.59
N ASN A 293 15.31 19.73 -7.39
CA ASN A 293 14.04 19.05 -7.16
C ASN A 293 14.11 18.18 -5.87
N ALA A 294 13.36 18.61 -4.85
CA ALA A 294 13.42 18.01 -3.50
C ALA A 294 12.32 16.97 -3.24
N ASP A 295 11.69 16.49 -4.31
CA ASP A 295 10.50 15.64 -4.20
C ASP A 295 10.76 14.25 -3.63
N GLY A 296 11.80 13.58 -4.16
CA GLY A 296 12.19 12.26 -3.71
C GLY A 296 12.64 12.18 -2.27
N ASP A 297 12.87 13.35 -1.66
CA ASP A 297 13.34 13.39 -0.29
C ASP A 297 12.33 12.73 0.65
N SER A 298 11.06 13.10 0.51
CA SER A 298 10.05 12.57 1.43
C SER A 298 9.86 11.07 1.24
N SER A 299 10.08 10.56 0.04
CA SER A 299 9.98 9.12 -0.20
C SER A 299 11.08 8.34 0.52
N ILE A 300 12.34 8.78 0.35
CA ILE A 300 13.46 8.06 0.98
C ILE A 300 13.38 8.20 2.52
N LEU A 301 12.95 9.37 2.99
CA LEU A 301 12.78 9.60 4.42
C LEU A 301 11.70 8.69 5.03
N GLU A 302 10.58 8.55 4.32
CA GLU A 302 9.49 7.62 4.74
C GLU A 302 10.04 6.20 4.85
N PHE A 303 10.60 5.67 3.76
CA PHE A 303 11.03 4.26 3.77
C PHE A 303 12.22 3.93 4.63
N VAL A 304 13.09 4.89 4.86
CA VAL A 304 14.29 4.58 5.65
C VAL A 304 14.05 4.83 7.16
N PHE A 305 13.25 5.85 7.47
CA PHE A 305 13.07 6.32 8.87
C PHE A 305 11.62 6.36 9.33
N ARG A 306 10.68 6.06 8.43
CA ARG A 306 9.26 6.37 8.66
C ARG A 306 9.19 7.77 9.22
N TYR A 307 9.83 8.70 8.51
CA TYR A 307 10.01 10.07 8.97
C TYR A 307 8.68 10.76 9.33
N ASN A 308 8.68 11.47 10.45
CA ASN A 308 7.51 12.22 10.87
C ASN A 308 7.96 13.57 11.45
N GLY A 309 8.54 14.41 10.59
CA GLY A 309 8.97 15.76 10.97
C GLY A 309 10.06 15.96 12.03
N GLN A 310 10.68 14.90 12.54
CA GLN A 310 11.68 15.10 13.60
C GLN A 310 13.04 15.58 13.07
N PRO A 311 13.78 16.40 13.85
CA PRO A 311 15.02 17.00 13.32
C PRO A 311 16.06 15.94 12.96
N LEU A 312 16.68 16.12 11.78
CA LEU A 312 17.51 15.09 11.14
C LEU A 312 18.57 14.52 12.06
N ASP A 313 19.08 15.36 12.96
CA ASP A 313 20.09 14.98 13.96
C ASP A 313 19.63 13.85 14.88
N GLU A 314 18.34 13.82 15.18
CA GLU A 314 17.76 12.80 16.06
C GLU A 314 17.57 11.45 15.39
N LEU A 315 17.59 11.43 14.05
CA LEU A 315 17.35 10.19 13.31
C LEU A 315 18.49 9.21 13.53
N PRO A 316 18.18 7.90 13.62
CA PRO A 316 19.21 6.86 13.80
C PRO A 316 20.27 6.82 12.68
N GLN A 317 21.43 6.29 13.00
CA GLN A 317 22.57 6.25 12.08
C GLN A 317 23.27 4.89 12.09
N ARG A 318 22.52 3.83 12.37
CA ARG A 318 23.06 2.48 12.51
C ARG A 318 23.48 1.79 11.21
N SER A 319 22.78 2.07 10.11
CA SER A 319 23.06 1.41 8.82
C SER A 319 23.75 2.36 7.84
N SER A 320 24.42 1.78 6.85
CA SER A 320 25.07 2.60 5.83
C SER A 320 24.09 3.51 5.09
N LEU A 321 22.89 3.00 4.78
CA LEU A 321 21.84 3.82 4.17
C LEU A 321 21.33 4.96 5.06
N GLU A 322 21.12 4.68 6.35
CA GLU A 322 20.68 5.72 7.29
C GLU A 322 21.66 6.92 7.30
N ARG A 323 22.95 6.62 7.36
CA ARG A 323 24.01 7.67 7.31
C ARG A 323 24.00 8.39 5.96
N ALA A 324 23.85 7.61 4.88
CA ALA A 324 23.79 8.13 3.52
C ALA A 324 22.66 9.13 3.30
N VAL A 325 21.43 8.77 3.70
CA VAL A 325 20.32 9.68 3.46
C VAL A 325 20.59 11.03 4.14
N ILE A 326 21.11 10.99 5.36
CA ILE A 326 21.28 12.23 6.13
C ILE A 326 22.46 13.07 5.58
N ALA A 327 23.63 12.45 5.46
CA ALA A 327 24.83 13.08 4.89
C ALA A 327 24.51 13.83 3.59
N HIS A 328 23.78 13.17 2.68
CA HIS A 328 23.44 13.72 1.37
C HIS A 328 22.60 14.95 1.53
N LEU A 329 21.58 14.84 2.39
CA LEU A 329 20.69 15.95 2.72
C LEU A 329 21.45 17.10 3.39
N LYS A 330 22.30 16.76 4.37
CA LYS A 330 23.16 17.76 5.04
C LYS A 330 24.06 18.55 4.08
N ALA A 331 24.51 17.90 3.01
CA ALA A 331 25.35 18.53 1.98
C ALA A 331 24.57 19.47 1.09
N GLY A 332 23.28 19.64 1.35
CA GLY A 332 22.45 20.49 0.51
C GLY A 332 21.96 19.80 -0.76
N ARG A 333 22.08 18.48 -0.80
CA ARG A 333 21.69 17.73 -2.00
C ARG A 333 20.31 17.02 -1.80
N HIS A 334 19.80 16.44 -2.88
CA HIS A 334 18.45 15.85 -2.89
C HIS A 334 18.40 14.46 -3.49
N TRP A 335 17.46 13.65 -3.00
CA TRP A 335 17.22 12.32 -3.53
C TRP A 335 16.06 12.39 -4.48
N HIS A 336 16.07 11.52 -5.49
CA HIS A 336 15.04 11.50 -6.53
C HIS A 336 14.43 10.14 -6.75
N MET A 337 13.12 10.10 -6.89
CA MET A 337 12.40 8.92 -7.37
C MET A 337 12.75 8.74 -8.83
N ARG A 338 13.18 7.56 -9.22
CA ARG A 338 13.48 7.30 -10.62
C ARG A 338 12.61 6.16 -11.10
N THR A 339 12.35 6.15 -12.40
CA THR A 339 11.42 5.23 -13.02
C THR A 339 12.15 4.44 -14.07
N GLY A 340 11.86 3.14 -14.12
CA GLY A 340 12.49 2.25 -15.08
C GLY A 340 11.70 0.98 -15.27
N PHE A 341 12.28 0.06 -16.02
CA PHE A 341 11.62 -1.20 -16.38
C PHE A 341 12.62 -2.36 -16.47
N VAL A 342 12.10 -3.57 -16.28
CA VAL A 342 12.83 -4.78 -16.59
C VAL A 342 11.88 -5.65 -17.40
N LYS A 343 12.40 -6.32 -18.43
CA LYS A 343 11.61 -7.27 -19.20
C LYS A 343 11.29 -8.49 -18.32
N LEU A 344 10.08 -9.01 -18.40
CA LEU A 344 9.74 -10.17 -17.57
C LEU A 344 10.33 -11.45 -18.17
N PRO A 345 10.98 -12.30 -17.34
CA PRO A 345 11.51 -13.54 -17.88
C PRO A 345 10.38 -14.47 -18.27
N GHP B 1 6.25 15.17 -1.17
CA GHP B 1 5.67 13.81 -1.35
C GHP B 1 4.97 13.35 -0.09
O GHP B 1 4.30 14.14 0.58
C1 GHP B 1 4.79 13.81 -2.54
C2 GHP B 1 3.42 14.04 -2.41
C3 GHP B 1 2.60 14.03 -3.54
C4 GHP B 1 3.15 13.81 -4.81
O4 GHP B 1 2.34 13.80 -5.91
C5 GHP B 1 4.53 13.59 -4.95
C6 GHP B 1 5.34 13.59 -3.82
OBD 3MY B 2 5.35 5.67 -0.82
CZ 3MY B 2 5.38 6.78 -0.07
CE2 3MY B 2 4.68 6.92 1.21
CD2 3MY B 2 4.73 8.10 1.90
CL 3MY B 2 3.78 5.60 1.94
CE1 3MY B 2 6.05 7.89 -0.53
CD1 3MY B 2 6.08 9.04 0.20
CG 3MY B 2 5.42 9.17 1.39
CB 3MY B 2 5.46 10.48 2.15
CA 3MY B 2 4.55 11.52 1.48
C 3MY B 2 3.13 11.03 1.36
O 3MY B 2 2.47 10.88 2.38
N 3MY B 2 5.10 12.07 0.24
N 3FG B 3 2.66 10.80 0.17
OD1 3FG B 3 -2.44 13.70 -0.60
CD1 3FG B 3 -1.24 13.24 -1.02
CG1 3FG B 3 -0.65 12.15 -0.35
CZ 3FG B 3 -0.61 13.85 -2.11
CD2 3FG B 3 0.63 13.37 -2.51
OD2 3FG B 3 1.27 13.94 -3.57
CG2 3FG B 3 1.22 12.28 -1.84
CB 3FG B 3 0.59 11.68 -0.76
CA 3FG B 3 1.23 10.52 -0.06
C 3FG B 3 0.87 9.26 -0.84
O 3FG B 3 -0.15 8.64 -0.53
N GHP B 4 1.63 8.90 -1.88
CA GHP B 4 1.36 7.72 -2.70
C GHP B 4 0.75 7.97 -4.06
O GHP B 4 1.20 8.84 -4.75
C1 GHP B 4 2.48 6.70 -2.78
C2 GHP B 4 3.42 6.58 -1.77
C3 GHP B 4 4.44 5.63 -1.80
C4 GHP B 4 4.48 4.77 -2.87
O4 GHP B 4 5.41 3.81 -2.89
C5 GHP B 4 3.58 4.84 -3.90
C6 GHP B 4 2.58 5.81 -3.83
N GHP B 5 -0.24 7.21 -4.46
CA GHP B 5 -0.64 7.08 -5.85
C GHP B 5 -1.05 5.64 -6.14
O GHP B 5 -1.43 4.96 -5.20
C1 GHP B 5 -1.76 7.92 -6.32
C2 GHP B 5 -2.97 7.87 -5.68
C3 GHP B 5 -4.03 8.61 -6.16
C4 GHP B 5 -3.89 9.37 -7.29
O4 GHP B 5 -4.95 10.07 -7.71
C5 GHP B 5 -2.70 9.43 -7.95
C6 GHP B 5 -1.64 8.70 -7.46
N OMY B 6 -1.06 5.15 -7.38
CA OMY B 6 -0.55 5.81 -8.58
OCZ OMY B 6 3.99 4.03 -4.94
CE2 OMY B 6 2.09 3.44 -6.23
CE1 OMY B 6 3.44 5.30 -6.95
CZ OMY B 6 3.19 4.21 -6.00
CG OMY B 6 1.49 4.68 -8.20
CD2 OMY B 6 1.25 3.67 -7.30
CD1 OMY B 6 2.57 5.50 -8.00
CB OMY B 6 0.57 4.99 -9.29
CL OMY B 6 4.85 6.35 -6.71
O OMY B 6 -2.73 5.60 -9.48
C OMY B 6 -1.73 6.26 -9.41
ODE OMY B 6 0.09 3.87 -10.00
N 3FG B 7 -1.62 7.43 -10.02
OD1 3FG B 7 -2.40 12.13 -7.62
CD1 3FG B 7 -2.39 11.51 -8.80
CG1 3FG B 7 -2.60 10.14 -8.95
CZ 3FG B 7 -2.16 12.32 -9.89
CD2 3FG B 7 -2.11 11.76 -11.15
OD2 3FG B 7 -1.87 12.52 -12.23
CG2 3FG B 7 -2.31 10.42 -11.30
CB 3FG B 7 -2.56 9.59 -10.24
CA 3FG B 7 -2.78 8.14 -10.48
C 3FG B 7 -3.16 7.77 -11.88
O 3FG B 7 -2.36 7.23 -12.63
OXT 3FG B 7 -4.30 8.00 -12.24
N1A COA C . 15.95 1.28 6.46
C2A COA C . 17.16 1.29 7.09
N3A COA C . 18.27 0.68 6.59
C4A COA C . 18.20 0.03 5.39
C5A COA C . 16.93 -0.01 4.65
C6A COA C . 15.76 0.67 5.26
N6A COA C . 14.56 0.69 4.64
N7A COA C . 17.15 -0.72 3.52
C8A COA C . 18.46 -1.10 3.51
N9A COA C . 19.06 -0.66 4.64
C1B COA C . 20.50 -0.83 4.97
C2B COA C . 20.91 -2.28 5.11
O2B COA C . 20.61 -2.66 6.45
C3B COA C . 22.38 -2.16 4.73
O3B COA C . 23.11 -1.61 5.84
P3B COA C . 24.67 -2.01 6.13
O7A COA C . 25.45 -1.61 4.90
O8A COA C . 24.98 -1.12 7.31
O9A COA C . 24.61 -3.51 6.37
C4B COA C . 22.40 -1.12 3.61
O4B COA C . 21.30 -0.26 3.91
C5B COA C . 22.23 -1.68 2.19
O5B COA C . 20.98 -2.41 2.09
P1A COA C . 20.61 -3.30 0.80
O1A COA C . 21.27 -4.64 0.90
O2A COA C . 20.78 -2.43 -0.41
O3A COA C . 18.99 -3.52 1.02
P2A COA C . 18.31 -4.77 1.81
O4A COA C . 18.11 -5.92 0.88
O5A COA C . 19.00 -5.03 3.12
O6A COA C . 16.88 -4.11 2.17
CBP COA C . 14.55 -3.64 1.84
CCP COA C . 15.92 -3.77 1.17
CDP COA C . 13.59 -3.37 0.70
CEP COA C . 14.20 -4.94 2.56
CAP COA C . 14.48 -2.47 2.87
OAP COA C . 14.98 -1.23 2.35
C9P COA C . 13.07 -2.15 3.32
O9P COA C . 12.48 -2.91 4.06
N8P COA C . 12.53 -1.00 2.88
C7P COA C . 11.14 -0.64 3.12
C6P COA C . 10.28 -0.96 1.90
C5P COA C . 10.66 -0.10 0.69
O5P COA C . 11.62 0.67 0.69
N4P COA C . 9.82 -0.29 -0.36
C3P COA C . 9.95 0.36 -1.65
C2P COA C . 9.55 1.83 -1.59
S1P COA C . 9.49 2.59 -3.24
S SO4 D . -11.70 6.94 -10.95
O1 SO4 D . -11.57 7.64 -9.65
O2 SO4 D . -12.27 5.59 -10.76
O3 SO4 D . -12.57 7.74 -11.84
O4 SO4 D . -10.36 6.78 -11.57
S SO4 E . 2.82 -10.80 17.36
O1 SO4 E . 2.04 -9.82 18.15
O2 SO4 E . 2.35 -10.79 15.96
O3 SO4 E . 4.26 -10.41 17.40
O4 SO4 E . 2.64 -12.16 17.93
C1 NAG F . 0.82 3.67 -10.95
C2 NAG F . 1.25 2.26 -11.35
C3 NAG F . 2.14 2.27 -12.58
C4 NAG F . 1.38 2.93 -13.74
C5 NAG F . 0.87 4.30 -13.31
C6 NAG F . -0.08 4.86 -14.37
C7 NAG F . 1.48 0.48 -9.71
C8 NAG F . 2.34 0.02 -8.57
N2 NAG F . 1.90 1.60 -10.25
O3 NAG F . 2.62 0.96 -12.83
O4 NAG F . 2.20 3.13 -14.88
O5 NAG F . 0.18 4.25 -12.07
O6 NAG F . -1.31 4.13 -14.48
O7 NAG F . 0.50 -0.10 -10.07
C1 MAN G . -2.46 13.48 -7.56
C2 MAN G . -2.40 13.73 -6.07
C3 MAN G . -3.67 13.21 -5.46
C4 MAN G . -4.89 13.81 -6.10
C5 MAN G . -4.81 13.57 -7.59
C6 MAN G . -5.91 14.23 -8.37
O2 MAN G . -2.38 15.12 -5.86
O3 MAN G . -3.67 13.55 -4.09
O4 MAN G . -6.03 13.16 -5.52
O5 MAN G . -3.61 14.17 -8.03
O6 MAN G . -5.42 14.44 -9.68
C1 GCS H . 4.91 2.61 -2.41
C2 GCS H . 5.87 1.46 -2.33
C3 GCS H . 5.22 0.21 -1.72
C4 GCS H . 4.63 0.57 -0.37
C5 GCS H . 3.61 1.65 -0.60
C6 GCS H . 3.03 2.06 0.75
N2 GCS H . 6.21 1.27 -3.71
O3 GCS H . 6.12 -0.86 -1.50
O4 GCS H . 4.00 -0.57 0.22
O5 GCS H . 4.28 2.78 -1.15
O6 GCS H . 4.06 2.70 1.52
C1 DKA I . 7.63 0.78 -4.38
O1 DKA I . 7.74 -0.23 -3.62
C2 DKA I . 8.13 0.82 -5.82
C3 DKA I . 9.24 -0.20 -5.95
C4 DKA I . 9.81 -0.20 -7.35
C5 DKA I . 11.05 -1.07 -7.24
C6 DKA I . 12.06 -0.81 -8.33
C7 DKA I . 13.06 -1.97 -8.41
C8 DKA I . 14.07 -1.93 -7.26
C9 DKA I . 15.30 -2.76 -7.58
C10 DKA I . 16.43 -2.28 -6.70
N DAL J . 4.23 9.77 -4.69
CA DAL J . 5.48 9.94 -4.01
CB DAL J . 6.04 8.58 -3.83
C DAL J . 5.22 10.40 -2.65
O DAL J . 6.18 10.78 -2.03
OXT DAL J . 4.08 10.38 -2.15
#